data_3TFK
#
_entry.id   3TFK
#
_cell.length_a   102.090
_cell.length_b   102.090
_cell.length_c   323.081
_cell.angle_alpha   90.00
_cell.angle_beta   90.00
_cell.angle_gamma   120.00
#
_symmetry.space_group_name_H-M   'P 61 2 2'
#
loop_
_entity.id
_entity.type
_entity.pdbx_description
1 polymer 'H2-Ld SBM2'
2 polymer 'p4B10 peptide'
3 polymer '42F3 alpha'
4 polymer '42F3 beta'
5 non-polymer 'NITRATE ION'
6 water water
#
loop_
_entity_poly.entity_id
_entity_poly.type
_entity_poly.pdbx_seq_one_letter_code
_entity_poly.pdbx_strand_id
1 'polypeptide(L)'
;MGPHSMRYYETATSRRGLGEPRYTSVGYVDDKEFVRFDSDAENPRYEPQVPWMEQEGPEYWERITQVAKGQEQWFRVNLR
TLLGYYNQSAGGTHTLQRMYGCDVGSDGRLLRGYEQFAYDGCDYIALNEDLRTWTAADMAAQITRRKWEQAGAAEYYRAY
LEGECVEWLHRYLKNGNATL
;
A
2 'polypeptide(L)' QLSDVPMDL B
3 'polypeptide(L)'
;GSHMAQSVTQPDARVTVSEGASLQLRCKYSYSATPYLFWYVQYPRQGLQMLLKYYSGDPVVQGVNGFEAEFSKSDSSFHL
RKASVHWSDSAVYFCAVSAKGTGSKLSFGKGAKLTVSPNIQNPDPAVYQLRDSKSSDKSVCLFTDFDSQTNVSQSKDSDV
YITDKCVLDMRSMDFKSNSAVAWSNKSDFACANAFNNSIIPEDTFFPSPESS
;
C
4 'polypeptide(L)'
;MGEAAVTQSPRNKVTVTGGNVTLSCRQTNSHNYMYWYRQDTGHGLRLIHYSYGAGNLQIGDVPDGYKATRTTQEDFFLLL
ELASPSQTSLYFCASSDAPGQLYFGEGSKLTVLEDLKNVFPPEVAVFEPSEAEISHTQKATLVCLATGFYPDHVELSWWV
NGKEVHSGVCTDPQPLKEQPALNDSRYALSSRLRVSATFWQNPRNHFRCQVQFYGLSENDEWTQDRAKPVTQIVSAEAWG
RAD
;
D
#
# COMPACT_ATOMS: atom_id res chain seq x y z
N PRO A 3 -28.25 -37.71 6.66
CA PRO A 3 -27.86 -36.74 7.68
C PRO A 3 -26.64 -37.19 8.46
N HIS A 4 -25.51 -36.52 8.25
CA HIS A 4 -24.28 -36.84 8.97
C HIS A 4 -23.64 -35.58 9.56
N SER A 5 -22.72 -35.77 10.50
CA SER A 5 -22.11 -34.65 11.21
C SER A 5 -20.58 -34.73 11.21
N MET A 6 -19.94 -33.62 11.53
CA MET A 6 -18.49 -33.57 11.66
C MET A 6 -18.11 -32.41 12.57
N ARG A 7 -17.31 -32.69 13.58
CA ARG A 7 -16.90 -31.66 14.53
C ARG A 7 -15.42 -31.75 14.89
N TYR A 8 -14.80 -30.59 15.10
CA TYR A 8 -13.43 -30.52 15.58
C TYR A 8 -13.41 -29.69 16.85
N TYR A 9 -12.79 -30.23 17.89
CA TYR A 9 -12.65 -29.51 19.15
C TYR A 9 -11.17 -29.22 19.40
N GLU A 10 -10.80 -27.95 19.29
CA GLU A 10 -9.46 -27.53 19.62
C GLU A 10 -9.45 -26.91 21.01
N THR A 11 -8.38 -27.15 21.75
CA THR A 11 -8.28 -26.67 23.13
C THR A 11 -6.86 -26.27 23.48
N ALA A 12 -6.69 -25.05 23.96
CA ALA A 12 -5.40 -24.59 24.45
C ALA A 12 -5.55 -24.20 25.91
N THR A 13 -4.50 -24.46 26.69
CA THR A 13 -4.51 -24.16 28.11
C THR A 13 -3.18 -23.54 28.51
N SER A 14 -3.23 -22.28 28.91
CA SER A 14 -2.01 -21.57 29.31
C SER A 14 -1.51 -22.07 30.65
N ARG A 15 -0.19 -22.18 30.78
CA ARG A 15 0.43 -22.49 32.06
C ARG A 15 1.09 -21.24 32.63
N ARG A 16 2.00 -21.42 33.57
CA ARG A 16 2.64 -20.27 34.20
C ARG A 16 4.07 -20.05 33.72
N GLY A 17 4.49 -18.79 33.64
CA GLY A 17 5.85 -18.46 33.29
C GLY A 17 6.24 -18.81 31.87
N LEU A 18 7.47 -19.29 31.70
CA LEU A 18 8.02 -19.59 30.39
C LEU A 18 7.56 -20.96 29.89
N GLY A 19 6.33 -21.02 29.40
CA GLY A 19 5.79 -22.27 28.90
C GLY A 19 4.66 -22.06 27.90
N GLU A 20 4.80 -22.70 26.74
CA GLU A 20 3.76 -22.64 25.73
C GLU A 20 2.57 -23.46 26.19
N PRO A 21 1.35 -23.03 25.83
CA PRO A 21 0.12 -23.69 26.27
C PRO A 21 0.10 -25.17 25.91
N ARG A 22 -0.92 -25.88 26.39
CA ARG A 22 -1.10 -27.28 26.03
C ARG A 22 -2.23 -27.38 25.01
N TYR A 23 -1.86 -27.68 23.77
CA TYR A 23 -2.84 -27.71 22.68
C TYR A 23 -3.42 -29.11 22.48
N THR A 24 -4.72 -29.16 22.24
CA THR A 24 -5.44 -30.42 22.06
C THR A 24 -6.53 -30.31 21.00
N SER A 25 -6.49 -31.20 20.01
CA SER A 25 -7.49 -31.21 18.95
C SER A 25 -7.97 -32.64 18.66
N VAL A 26 -9.29 -32.82 18.63
CA VAL A 26 -9.85 -34.14 18.37
C VAL A 26 -10.97 -34.07 17.33
N GLY A 27 -10.92 -34.97 16.36
CA GLY A 27 -11.89 -35.00 15.29
C GLY A 27 -13.00 -35.99 15.53
N TYR A 28 -14.22 -35.61 15.15
CA TYR A 28 -15.39 -36.46 15.33
C TYR A 28 -16.14 -36.64 14.01
N VAL A 29 -16.30 -37.90 13.58
CA VAL A 29 -17.14 -38.20 12.43
C VAL A 29 -18.49 -38.73 12.89
N ASP A 30 -19.50 -37.88 12.82
CA ASP A 30 -20.83 -38.21 13.33
C ASP A 30 -20.74 -38.78 14.75
N ASP A 31 -20.06 -38.04 15.62
CA ASP A 31 -20.02 -38.34 17.06
C ASP A 31 -18.94 -39.32 17.51
N LYS A 32 -18.28 -39.97 16.56
CA LYS A 32 -17.24 -40.93 16.90
C LYS A 32 -15.85 -40.35 16.63
N GLU A 33 -14.98 -40.40 17.64
CA GLU A 33 -13.63 -39.86 17.52
C GLU A 33 -12.78 -40.66 16.54
N PHE A 34 -12.26 -39.99 15.52
CA PHE A 34 -11.48 -40.66 14.48
C PHE A 34 -10.05 -40.16 14.37
N VAL A 35 -9.75 -39.05 15.03
CA VAL A 35 -8.41 -38.46 14.98
C VAL A 35 -8.17 -37.57 16.20
N ARG A 36 -6.91 -37.39 16.57
CA ARG A 36 -6.55 -36.67 17.78
C ARG A 36 -5.12 -36.13 17.76
N PHE A 37 -4.96 -34.91 18.28
CA PHE A 37 -3.64 -34.28 18.40
C PHE A 37 -3.40 -33.79 19.83
N ASP A 38 -2.17 -33.94 20.31
CA ASP A 38 -1.80 -33.47 21.64
C ASP A 38 -0.35 -32.97 21.67
N SER A 39 -0.14 -31.83 22.32
CA SER A 39 1.18 -31.20 22.34
C SER A 39 2.14 -31.83 23.34
N ASP A 40 1.59 -32.53 24.34
CA ASP A 40 2.40 -33.13 25.40
C ASP A 40 3.28 -34.28 24.90
N ALA A 41 2.73 -35.10 24.01
CA ALA A 41 3.43 -36.27 23.48
C ALA A 41 4.80 -35.96 22.89
N GLU A 42 5.80 -36.75 23.29
CA GLU A 42 7.19 -36.57 22.86
C GLU A 42 7.29 -36.31 21.36
N ASN A 43 6.48 -37.01 20.57
CA ASN A 43 6.35 -36.72 19.15
C ASN A 43 4.94 -36.21 18.84
N PRO A 44 4.71 -34.91 19.10
CA PRO A 44 3.38 -34.31 18.94
C PRO A 44 2.93 -34.36 17.49
N ARG A 45 1.98 -35.24 17.20
CA ARG A 45 1.50 -35.42 15.83
C ARG A 45 0.04 -35.84 15.79
N TYR A 46 -0.59 -35.64 14.64
CA TYR A 46 -1.94 -36.14 14.41
C TYR A 46 -1.87 -37.64 14.18
N GLU A 47 -2.79 -38.39 14.77
CA GLU A 47 -2.83 -39.83 14.60
C GLU A 47 -4.24 -40.39 14.67
N PRO A 48 -4.49 -41.47 13.92
CA PRO A 48 -5.81 -42.08 13.77
C PRO A 48 -6.31 -42.73 15.05
N GLN A 49 -7.63 -42.72 15.24
CA GLN A 49 -8.25 -43.31 16.42
C GLN A 49 -9.27 -44.36 16.01
N VAL A 50 -9.23 -44.75 14.74
CA VAL A 50 -10.25 -45.61 14.16
C VAL A 50 -9.64 -46.41 13.00
N PRO A 51 -10.06 -47.68 12.85
CA PRO A 51 -9.50 -48.59 11.84
C PRO A 51 -9.27 -47.94 10.47
N TRP A 52 -10.34 -47.54 9.79
CA TRP A 52 -10.22 -47.04 8.42
C TRP A 52 -9.20 -45.92 8.27
N MET A 53 -9.21 -44.98 9.21
CA MET A 53 -8.43 -43.76 9.08
C MET A 53 -6.92 -43.99 8.95
N GLU A 54 -6.48 -45.22 9.20
CA GLU A 54 -5.04 -45.52 9.16
C GLU A 54 -4.55 -45.76 7.74
N GLN A 55 -5.43 -45.60 6.76
CA GLN A 55 -5.09 -45.87 5.36
C GLN A 55 -4.65 -44.63 4.59
N GLU A 56 -4.69 -43.47 5.25
CA GLU A 56 -4.28 -42.22 4.62
C GLU A 56 -2.75 -42.09 4.61
N GLY A 57 -2.22 -41.46 3.57
CA GLY A 57 -0.78 -41.37 3.38
C GLY A 57 -0.05 -40.52 4.38
N PRO A 58 1.29 -40.50 4.30
CA PRO A 58 2.16 -39.75 5.22
C PRO A 58 2.09 -38.24 5.00
N GLU A 59 1.80 -37.82 3.77
CA GLU A 59 1.69 -36.39 3.47
C GLU A 59 0.43 -35.82 4.10
N TYR A 60 -0.60 -36.65 4.22
CA TYR A 60 -1.86 -36.24 4.84
C TYR A 60 -1.66 -35.96 6.32
N TRP A 61 -0.91 -36.82 6.99
CA TRP A 61 -0.61 -36.63 8.40
C TRP A 61 0.39 -35.51 8.58
N GLU A 62 1.31 -35.38 7.63
CA GLU A 62 2.31 -34.32 7.68
C GLU A 62 1.68 -32.96 7.43
N ARG A 63 0.62 -32.94 6.61
CA ARG A 63 -0.07 -31.71 6.28
C ARG A 63 -1.05 -31.32 7.40
N ILE A 64 -1.75 -32.33 7.91
CA ILE A 64 -2.74 -32.12 8.95
C ILE A 64 -2.05 -31.77 10.28
N THR A 65 -0.84 -32.27 10.46
CA THR A 65 -0.05 -31.95 11.64
C THR A 65 0.49 -30.54 11.53
N GLN A 66 0.75 -30.10 10.31
CA GLN A 66 1.28 -28.77 10.08
C GLN A 66 0.28 -27.69 10.49
N VAL A 67 -1.00 -27.92 10.18
CA VAL A 67 -2.05 -27.00 10.59
C VAL A 67 -1.99 -26.82 12.10
N ALA A 68 -1.92 -27.92 12.82
CA ALA A 68 -1.83 -27.89 14.28
C ALA A 68 -0.77 -26.90 14.75
N LYS A 69 0.43 -27.01 14.19
CA LYS A 69 1.51 -26.10 14.54
C LYS A 69 1.07 -24.65 14.44
N GLY A 70 0.23 -24.35 13.44
CA GLY A 70 -0.25 -23.01 13.22
C GLY A 70 -1.31 -22.61 14.23
N GLN A 71 -2.21 -23.53 14.55
CA GLN A 71 -3.26 -23.28 15.53
C GLN A 71 -2.67 -23.03 16.91
N GLU A 72 -1.51 -23.62 17.18
CA GLU A 72 -0.82 -23.38 18.44
C GLU A 72 -0.35 -21.94 18.50
N GLN A 73 0.22 -21.47 17.39
CA GLN A 73 0.68 -20.09 17.29
C GLN A 73 -0.51 -19.16 17.48
N TRP A 74 -1.65 -19.54 16.90
CA TRP A 74 -2.86 -18.73 17.02
C TRP A 74 -3.35 -18.66 18.45
N PHE A 75 -3.54 -19.84 19.06
CA PHE A 75 -4.05 -19.93 20.42
C PHE A 75 -3.15 -19.23 21.42
N ARG A 76 -1.84 -19.46 21.30
CA ARG A 76 -0.86 -18.80 22.15
C ARG A 76 -1.08 -17.29 22.16
N VAL A 77 -1.20 -16.71 20.97
CA VAL A 77 -1.38 -15.28 20.79
C VAL A 77 -2.75 -14.81 21.27
N ASN A 78 -3.78 -15.60 21.01
CA ASN A 78 -5.15 -15.19 21.33
C ASN A 78 -5.55 -15.34 22.79
N LEU A 79 -4.81 -16.14 23.55
CA LEU A 79 -5.01 -16.19 25.00
C LEU A 79 -4.61 -14.85 25.57
N ARG A 80 -3.42 -14.38 25.20
CA ARG A 80 -2.93 -13.07 25.60
C ARG A 80 -3.99 -12.01 25.33
N THR A 81 -4.48 -11.96 24.10
CA THR A 81 -5.51 -10.99 23.73
C THR A 81 -6.65 -11.00 24.73
N LEU A 82 -7.18 -12.20 25.02
CA LEU A 82 -8.32 -12.32 25.91
C LEU A 82 -8.04 -11.81 27.32
N LEU A 83 -6.79 -11.92 27.75
CA LEU A 83 -6.41 -11.38 29.05
C LEU A 83 -6.80 -9.91 29.13
N GLY A 84 -6.37 -9.15 28.14
CA GLY A 84 -6.67 -7.73 28.08
C GLY A 84 -8.15 -7.44 28.09
N TYR A 85 -8.91 -8.17 27.27
CA TYR A 85 -10.34 -7.93 27.15
C TYR A 85 -11.05 -8.00 28.50
N TYR A 86 -10.64 -8.95 29.34
CA TYR A 86 -11.26 -9.12 30.65
C TYR A 86 -10.40 -8.54 31.77
N ASN A 87 -9.32 -7.87 31.40
CA ASN A 87 -8.44 -7.22 32.37
C ASN A 87 -7.98 -8.20 33.45
N GLN A 88 -7.29 -9.25 33.05
CA GLN A 88 -6.90 -10.31 33.97
C GLN A 88 -5.39 -10.34 34.18
N SER A 89 -4.97 -10.67 35.40
CA SER A 89 -3.56 -10.82 35.71
C SER A 89 -2.89 -11.83 34.78
N ALA A 90 -1.66 -11.54 34.38
CA ALA A 90 -0.95 -12.39 33.44
C ALA A 90 -0.39 -13.65 34.11
N GLY A 91 -0.69 -13.81 35.40
CA GLY A 91 -0.27 -14.98 36.13
C GLY A 91 -1.26 -16.11 35.99
N GLY A 92 -2.55 -15.78 36.01
CA GLY A 92 -3.61 -16.77 35.95
C GLY A 92 -3.51 -17.68 34.74
N THR A 93 -4.01 -18.90 34.89
CA THR A 93 -4.05 -19.86 33.80
C THR A 93 -5.48 -19.96 33.26
N HIS A 94 -5.61 -19.96 31.93
CA HIS A 94 -6.93 -19.99 31.32
C HIS A 94 -7.02 -21.01 30.19
N THR A 95 -8.23 -21.22 29.70
CA THR A 95 -8.50 -22.23 28.69
C THR A 95 -9.41 -21.68 27.60
N LEU A 96 -8.92 -21.72 26.36
CA LEU A 96 -9.72 -21.30 25.20
C LEU A 96 -10.00 -22.50 24.30
N GLN A 97 -11.27 -22.70 23.98
CA GLN A 97 -11.65 -23.85 23.16
C GLN A 97 -12.46 -23.45 21.93
N ARG A 98 -12.14 -24.07 20.81
CA ARG A 98 -12.82 -23.82 19.54
C ARG A 98 -13.52 -25.08 19.05
N MET A 99 -14.71 -24.91 18.48
CA MET A 99 -15.41 -26.03 17.85
C MET A 99 -16.03 -25.62 16.51
N TYR A 100 -15.67 -26.35 15.45
CA TYR A 100 -16.22 -26.10 14.12
C TYR A 100 -16.55 -27.38 13.35
N GLY A 101 -17.35 -27.24 12.30
CA GLY A 101 -17.77 -28.38 11.49
C GLY A 101 -18.99 -28.06 10.64
N CYS A 102 -19.56 -29.08 10.01
CA CYS A 102 -20.70 -28.89 9.11
C CYS A 102 -21.71 -30.04 9.14
N ASP A 103 -23.00 -29.69 9.03
CA ASP A 103 -24.06 -30.69 8.97
C ASP A 103 -24.47 -30.97 7.53
N VAL A 104 -24.17 -32.18 7.06
CA VAL A 104 -24.55 -32.59 5.71
C VAL A 104 -25.92 -33.26 5.69
N GLY A 105 -26.70 -32.96 4.66
CA GLY A 105 -28.02 -33.53 4.50
C GLY A 105 -27.99 -34.94 3.99
N SER A 106 -29.15 -35.58 3.93
CA SER A 106 -29.26 -36.92 3.37
C SER A 106 -28.71 -36.93 1.95
N ASP A 107 -29.03 -35.89 1.20
CA ASP A 107 -28.55 -35.74 -0.18
C ASP A 107 -27.10 -35.31 -0.23
N GLY A 108 -26.41 -35.44 0.91
CA GLY A 108 -25.00 -35.11 0.99
C GLY A 108 -24.70 -33.62 0.87
N ARG A 109 -25.74 -32.81 0.94
CA ARG A 109 -25.59 -31.37 0.80
C ARG A 109 -25.15 -30.74 2.13
N LEU A 110 -25.23 -29.41 2.21
CA LEU A 110 -24.87 -28.69 3.43
C LEU A 110 -26.13 -28.14 4.12
N LEU A 111 -26.31 -28.49 5.38
CA LEU A 111 -27.50 -28.08 6.12
C LEU A 111 -27.22 -27.01 7.17
N ARG A 112 -26.10 -27.18 7.89
CA ARG A 112 -25.71 -26.24 8.93
C ARG A 112 -24.20 -26.17 9.10
N GLY A 113 -23.71 -25.01 9.55
CA GLY A 113 -22.29 -24.82 9.77
C GLY A 113 -22.00 -24.39 11.20
N TYR A 114 -20.77 -24.59 11.64
CA TYR A 114 -20.41 -24.30 13.02
C TYR A 114 -19.03 -23.68 13.18
N GLU A 115 -18.99 -22.53 13.85
CA GLU A 115 -17.74 -21.89 14.27
C GLU A 115 -18.04 -21.08 15.53
N GLN A 116 -17.48 -21.53 16.64
CA GLN A 116 -17.80 -20.97 17.94
C GLN A 116 -16.67 -21.15 18.93
N PHE A 117 -16.62 -20.28 19.94
CA PHE A 117 -15.55 -20.31 20.92
C PHE A 117 -16.07 -20.23 22.34
N ALA A 118 -15.23 -20.64 23.28
CA ALA A 118 -15.55 -20.57 24.69
C ALA A 118 -14.30 -20.27 25.51
N TYR A 119 -14.40 -19.27 26.39
CA TYR A 119 -13.29 -18.88 27.25
C TYR A 119 -13.55 -19.40 28.66
N ASP A 120 -12.64 -20.21 29.17
CA ASP A 120 -12.78 -20.81 30.48
C ASP A 120 -14.18 -21.39 30.74
N GLY A 121 -14.81 -21.92 29.69
CA GLY A 121 -16.08 -22.61 29.82
C GLY A 121 -17.33 -21.81 29.49
N CYS A 122 -17.20 -20.49 29.43
CA CYS A 122 -18.34 -19.64 29.13
C CYS A 122 -18.43 -19.35 27.64
N ASP A 123 -19.64 -19.14 27.15
CA ASP A 123 -19.85 -18.77 25.74
C ASP A 123 -19.15 -17.45 25.44
N TYR A 124 -18.42 -17.43 24.34
CA TYR A 124 -17.77 -16.20 23.88
C TYR A 124 -18.47 -15.70 22.63
N ILE A 125 -18.14 -16.31 21.50
CA ILE A 125 -18.79 -15.96 20.24
C ILE A 125 -19.14 -17.22 19.46
N ALA A 126 -20.23 -17.15 18.70
CA ALA A 126 -20.69 -18.30 17.92
C ALA A 126 -21.32 -17.87 16.61
N LEU A 127 -20.96 -18.58 15.54
CA LEU A 127 -21.55 -18.34 14.23
C LEU A 127 -23.01 -18.76 14.21
N ASN A 128 -23.90 -17.82 13.88
CA ASN A 128 -25.33 -18.10 13.83
C ASN A 128 -25.69 -19.07 12.70
N GLU A 129 -26.99 -19.33 12.56
CA GLU A 129 -27.45 -20.30 11.55
C GLU A 129 -27.38 -19.76 10.13
N ASP A 130 -27.65 -18.46 9.97
CA ASP A 130 -27.62 -17.85 8.64
C ASP A 130 -26.19 -17.84 8.07
N LEU A 131 -25.23 -18.21 8.91
CA LEU A 131 -23.83 -18.33 8.49
C LEU A 131 -23.20 -17.00 8.09
N ARG A 132 -23.85 -15.89 8.43
CA ARG A 132 -23.33 -14.58 8.06
C ARG A 132 -23.33 -13.60 9.23
N THR A 133 -23.88 -14.00 10.37
CA THR A 133 -23.89 -13.17 11.56
C THR A 133 -23.36 -13.92 12.76
N TRP A 134 -23.09 -13.19 13.84
CA TRP A 134 -22.56 -13.80 15.05
C TRP A 134 -23.40 -13.45 16.27
N THR A 135 -23.31 -14.29 17.30
CA THR A 135 -23.91 -14.00 18.59
C THR A 135 -22.80 -13.84 19.62
N ALA A 136 -22.71 -12.66 20.23
CA ALA A 136 -21.68 -12.39 21.23
C ALA A 136 -22.26 -12.49 22.64
N ALA A 137 -21.53 -13.15 23.52
CA ALA A 137 -22.01 -13.39 24.87
C ALA A 137 -21.85 -12.18 25.79
N ASP A 138 -20.64 -11.66 25.87
CA ASP A 138 -20.37 -10.52 26.75
C ASP A 138 -19.73 -9.36 26.01
N MET A 139 -19.58 -8.23 26.71
CA MET A 139 -19.04 -7.03 26.11
C MET A 139 -17.66 -7.26 25.49
N ALA A 140 -16.91 -8.20 26.04
CA ALA A 140 -15.60 -8.54 25.50
C ALA A 140 -15.74 -9.21 24.14
N ALA A 141 -16.66 -10.17 24.05
CA ALA A 141 -16.92 -10.85 22.80
C ALA A 141 -17.49 -9.88 21.76
N GLN A 142 -18.17 -8.84 22.26
CA GLN A 142 -18.78 -7.85 21.38
C GLN A 142 -17.70 -7.08 20.61
N ILE A 143 -16.47 -7.11 21.12
CA ILE A 143 -15.34 -6.49 20.43
C ILE A 143 -14.88 -7.39 19.29
N THR A 144 -14.67 -8.67 19.59
CA THR A 144 -14.32 -9.64 18.58
C THR A 144 -15.36 -9.66 17.46
N ARG A 145 -16.63 -9.55 17.84
CA ARG A 145 -17.71 -9.53 16.87
C ARG A 145 -17.52 -8.35 15.91
N ARG A 146 -17.50 -7.14 16.46
CA ARG A 146 -17.34 -5.95 15.64
C ARG A 146 -16.14 -6.06 14.71
N LYS A 147 -15.04 -6.59 15.23
CA LYS A 147 -13.83 -6.79 14.43
C LYS A 147 -14.08 -7.78 13.31
N TRP A 148 -14.84 -8.82 13.61
CA TRP A 148 -15.15 -9.87 12.64
C TRP A 148 -16.23 -9.43 11.66
N GLU A 149 -17.05 -8.47 12.09
CA GLU A 149 -18.08 -7.91 11.23
C GLU A 149 -17.46 -7.07 10.12
N GLN A 150 -16.40 -6.34 10.45
CA GLN A 150 -15.77 -5.42 9.51
C GLN A 150 -14.81 -6.14 8.55
N ALA A 151 -14.22 -7.23 9.02
CA ALA A 151 -13.22 -7.94 8.23
C ALA A 151 -13.82 -9.10 7.45
N GLY A 152 -15.10 -9.37 7.69
CA GLY A 152 -15.77 -10.47 7.01
C GLY A 152 -15.30 -11.82 7.51
N ALA A 153 -15.51 -12.07 8.79
CA ALA A 153 -15.12 -13.35 9.38
C ALA A 153 -15.93 -14.48 8.77
N ALA A 154 -17.25 -14.31 8.76
CA ALA A 154 -18.15 -15.32 8.19
C ALA A 154 -17.63 -15.78 6.85
N GLU A 155 -17.57 -14.86 5.89
CA GLU A 155 -17.13 -15.18 4.54
C GLU A 155 -15.83 -15.98 4.53
N TYR A 156 -14.82 -15.48 5.23
CA TYR A 156 -13.55 -16.17 5.34
C TYR A 156 -13.73 -17.65 5.64
N TYR A 157 -14.46 -17.93 6.72
CA TYR A 157 -14.68 -19.31 7.13
C TYR A 157 -15.61 -20.04 6.17
N ARG A 158 -16.63 -19.34 5.68
CA ARG A 158 -17.62 -19.94 4.79
C ARG A 158 -16.93 -20.55 3.59
N ALA A 159 -15.68 -20.15 3.36
CA ALA A 159 -14.89 -20.70 2.26
C ALA A 159 -14.59 -22.16 2.50
N TYR A 160 -13.93 -22.46 3.62
CA TYR A 160 -13.63 -23.83 4.01
C TYR A 160 -14.90 -24.66 4.15
N LEU A 161 -15.87 -24.13 4.89
CA LEU A 161 -17.11 -24.82 5.17
C LEU A 161 -17.73 -25.38 3.90
N GLU A 162 -18.20 -24.48 3.04
CA GLU A 162 -18.90 -24.87 1.82
C GLU A 162 -18.06 -25.76 0.90
N GLY A 163 -16.75 -25.77 1.10
CA GLY A 163 -15.86 -26.56 0.27
C GLY A 163 -15.28 -27.76 0.99
N GLU A 164 -13.98 -27.72 1.24
CA GLU A 164 -13.26 -28.84 1.84
C GLU A 164 -14.02 -29.60 2.91
N CYS A 165 -14.64 -28.87 3.84
CA CYS A 165 -15.36 -29.50 4.95
C CYS A 165 -16.36 -30.55 4.43
N VAL A 166 -17.34 -30.09 3.67
CA VAL A 166 -18.33 -30.99 3.08
C VAL A 166 -17.65 -32.10 2.29
N GLU A 167 -16.71 -31.71 1.42
CA GLU A 167 -16.00 -32.67 0.58
C GLU A 167 -15.31 -33.75 1.41
N TRP A 168 -14.43 -33.34 2.30
CA TRP A 168 -13.67 -34.30 3.11
C TRP A 168 -14.54 -35.16 4.00
N LEU A 169 -15.68 -34.63 4.43
CA LEU A 169 -16.62 -35.43 5.22
C LEU A 169 -17.02 -36.67 4.43
N HIS A 170 -17.48 -36.47 3.20
CA HIS A 170 -17.87 -37.57 2.33
C HIS A 170 -16.71 -38.55 2.14
N ARG A 171 -15.51 -38.02 1.98
CA ARG A 171 -14.34 -38.87 1.78
C ARG A 171 -14.13 -39.79 2.98
N TYR A 172 -14.64 -39.38 4.13
CA TYR A 172 -14.55 -40.19 5.34
C TYR A 172 -15.73 -41.15 5.44
N LEU A 173 -16.89 -40.72 4.92
CA LEU A 173 -18.09 -41.54 4.93
C LEU A 173 -18.02 -42.70 3.93
N LYS A 174 -16.92 -42.79 3.20
CA LYS A 174 -16.74 -43.89 2.26
C LYS A 174 -15.95 -45.02 2.88
N ASN A 175 -15.27 -44.73 3.99
CA ASN A 175 -14.46 -45.72 4.66
C ASN A 175 -15.22 -46.40 5.80
N GLY A 176 -16.52 -46.16 5.88
CA GLY A 176 -17.36 -46.75 6.89
C GLY A 176 -18.40 -47.69 6.32
N GLN B 1 -8.06 -32.79 5.11
CA GLN B 1 -7.67 -31.41 5.40
C GLN B 1 -8.78 -30.65 6.14
N LEU B 2 -8.39 -29.64 6.92
CA LEU B 2 -9.32 -28.91 7.76
C LEU B 2 -9.20 -27.39 7.58
N SER B 3 -9.91 -26.65 8.44
CA SER B 3 -9.98 -25.19 8.34
C SER B 3 -8.65 -24.47 8.46
N ASP B 4 -8.66 -23.19 8.10
CA ASP B 4 -7.49 -22.33 8.21
C ASP B 4 -7.56 -21.58 9.53
N VAL B 5 -6.42 -21.05 9.98
CA VAL B 5 -6.37 -20.19 11.16
C VAL B 5 -7.56 -19.25 11.22
N PRO B 6 -8.24 -19.20 12.37
CA PRO B 6 -9.38 -18.29 12.53
C PRO B 6 -8.87 -16.85 12.60
N MET B 7 -9.71 -15.89 12.25
CA MET B 7 -9.29 -14.49 12.38
C MET B 7 -9.14 -14.16 13.86
N ASP B 8 -8.11 -13.37 14.17
CA ASP B 8 -7.82 -13.01 15.56
C ASP B 8 -9.03 -12.49 16.33
N LEU B 9 -9.05 -12.77 17.63
CA LEU B 9 -10.11 -12.29 18.50
C LEU B 9 -9.85 -10.82 18.83
N ALA C 5 6.36 -19.84 -5.13
CA ALA C 5 5.14 -20.65 -5.16
C ALA C 5 3.94 -19.82 -5.58
N GLN C 6 3.63 -18.77 -4.82
CA GLN C 6 2.53 -17.87 -5.14
C GLN C 6 3.02 -16.68 -5.95
N SER C 7 2.31 -16.40 -7.05
CA SER C 7 2.72 -15.32 -7.95
C SER C 7 1.54 -14.46 -8.38
N VAL C 8 1.78 -13.17 -8.51
CA VAL C 8 0.75 -12.21 -8.92
C VAL C 8 1.22 -11.40 -10.12
N THR C 9 0.41 -11.38 -11.17
CA THR C 9 0.79 -10.69 -12.40
C THR C 9 -0.16 -9.57 -12.77
N GLN C 10 0.36 -8.36 -12.86
CA GLN C 10 -0.36 -7.23 -13.44
C GLN C 10 0.33 -6.83 -14.73
N PRO C 11 -0.37 -6.98 -15.86
CA PRO C 11 0.20 -6.85 -17.20
C PRO C 11 0.87 -5.49 -17.46
N ASP C 12 0.13 -4.40 -17.26
CA ASP C 12 0.62 -3.09 -17.65
C ASP C 12 0.82 -2.14 -16.48
N ALA C 13 2.03 -1.61 -16.35
CA ALA C 13 2.36 -0.67 -15.29
C ALA C 13 1.78 0.71 -15.56
N ARG C 14 1.47 0.98 -16.82
CA ARG C 14 0.95 2.28 -17.23
C ARG C 14 -0.38 2.14 -17.96
N VAL C 15 -1.40 2.82 -17.45
CA VAL C 15 -2.73 2.79 -18.05
C VAL C 15 -3.41 4.15 -17.98
N THR C 16 -3.87 4.63 -19.13
CA THR C 16 -4.56 5.92 -19.20
C THR C 16 -5.97 5.74 -19.75
N VAL C 17 -6.93 6.45 -19.17
CA VAL C 17 -8.31 6.43 -19.66
C VAL C 17 -8.96 7.80 -19.52
N SER C 18 -9.89 8.11 -20.41
CA SER C 18 -10.57 9.40 -20.38
C SER C 18 -11.59 9.45 -19.27
N GLU C 19 -11.64 10.58 -18.56
CA GLU C 19 -12.63 10.75 -17.50
C GLU C 19 -14.00 10.38 -18.02
N GLY C 20 -14.76 9.64 -17.21
CA GLY C 20 -16.08 9.21 -17.60
C GLY C 20 -16.07 7.87 -18.31
N ALA C 21 -14.97 7.58 -19.00
CA ALA C 21 -14.83 6.31 -19.71
C ALA C 21 -14.76 5.12 -18.77
N SER C 22 -14.88 3.92 -19.33
CA SER C 22 -14.81 2.70 -18.54
C SER C 22 -13.36 2.32 -18.28
N LEU C 23 -13.15 1.39 -17.36
CA LEU C 23 -11.80 0.98 -16.99
C LEU C 23 -11.72 -0.49 -16.54
N GLN C 24 -10.66 -1.15 -16.96
CA GLN C 24 -10.36 -2.49 -16.46
C GLN C 24 -8.86 -2.63 -16.22
N LEU C 25 -8.50 -2.99 -15.00
CA LEU C 25 -7.11 -3.29 -14.67
C LEU C 25 -7.00 -4.78 -14.42
N ARG C 26 -6.11 -5.44 -15.15
CA ARG C 26 -6.05 -6.90 -15.12
C ARG C 26 -5.13 -7.45 -14.04
N CYS C 27 -5.46 -8.64 -13.55
CA CYS C 27 -4.66 -9.32 -12.53
C CYS C 27 -4.84 -10.83 -12.60
N LYS C 28 -3.74 -11.53 -12.90
CA LYS C 28 -3.75 -12.98 -12.87
C LYS C 28 -2.80 -13.47 -11.78
N TYR C 29 -3.10 -14.63 -11.20
CA TYR C 29 -2.30 -15.15 -10.09
C TYR C 29 -2.10 -16.66 -10.18
N SER C 30 -1.08 -17.15 -9.48
CA SER C 30 -0.85 -18.59 -9.39
C SER C 30 -2.04 -19.26 -8.74
N TYR C 31 -2.34 -20.49 -9.14
CA TYR C 31 -3.53 -21.18 -8.66
C TYR C 31 -3.45 -21.60 -7.21
N SER C 32 -4.56 -21.39 -6.49
CA SER C 32 -4.71 -21.92 -5.15
C SER C 32 -6.12 -22.50 -5.08
N ALA C 33 -6.30 -23.59 -4.36
CA ALA C 33 -7.60 -24.23 -4.30
C ALA C 33 -8.58 -23.26 -3.69
N THR C 34 -8.14 -22.62 -2.62
CA THR C 34 -8.85 -21.48 -2.10
C THR C 34 -7.83 -20.36 -2.01
N PRO C 35 -8.06 -19.30 -2.76
CA PRO C 35 -7.23 -18.10 -2.72
C PRO C 35 -7.94 -16.92 -2.07
N TYR C 36 -7.16 -16.08 -1.40
CA TYR C 36 -7.67 -14.86 -0.80
C TYR C 36 -7.22 -13.68 -1.67
N LEU C 37 -8.18 -12.93 -2.20
CA LEU C 37 -7.90 -11.92 -3.21
C LEU C 37 -8.19 -10.49 -2.74
N PHE C 38 -7.32 -9.57 -3.13
CA PHE C 38 -7.44 -8.18 -2.69
C PHE C 38 -6.98 -7.20 -3.76
N TRP C 39 -7.56 -6.00 -3.72
CA TRP C 39 -7.05 -4.86 -4.48
C TRP C 39 -6.67 -3.74 -3.51
N TYR C 40 -5.56 -3.08 -3.79
CA TYR C 40 -5.13 -1.94 -2.99
C TYR C 40 -4.87 -0.74 -3.88
N VAL C 41 -5.21 0.45 -3.39
CA VAL C 41 -4.98 1.67 -4.14
C VAL C 41 -4.03 2.60 -3.37
N GLN C 42 -3.14 3.26 -4.08
CA GLN C 42 -2.17 4.15 -3.46
C GLN C 42 -2.16 5.51 -4.12
N TYR C 43 -2.75 6.50 -3.46
CA TYR C 43 -2.74 7.87 -3.95
C TYR C 43 -1.37 8.49 -3.70
N PRO C 44 -1.08 9.63 -4.35
CA PRO C 44 0.24 10.27 -4.23
C PRO C 44 0.69 10.47 -2.79
N ARG C 45 1.94 10.12 -2.51
CA ARG C 45 2.55 10.34 -1.20
C ARG C 45 1.80 9.69 -0.04
N GLN C 46 0.94 8.72 -0.35
CA GLN C 46 0.28 7.96 0.70
C GLN C 46 0.76 6.52 0.68
N GLY C 47 0.23 5.72 1.61
CA GLY C 47 0.48 4.29 1.59
C GLY C 47 -0.62 3.59 0.85
N LEU C 48 -0.65 2.27 0.94
CA LEU C 48 -1.69 1.50 0.30
C LEU C 48 -2.95 1.43 1.16
N GLN C 49 -4.11 1.49 0.52
CA GLN C 49 -5.37 1.31 1.21
C GLN C 49 -6.10 0.15 0.55
N MET C 50 -6.79 -0.65 1.35
CA MET C 50 -7.57 -1.73 0.79
C MET C 50 -8.77 -1.18 0.05
N LEU C 51 -8.98 -1.67 -1.17
CA LEU C 51 -10.11 -1.23 -1.99
C LEU C 51 -11.20 -2.30 -2.00
N LEU C 52 -10.80 -3.54 -2.24
CA LEU C 52 -11.72 -4.67 -2.29
C LEU C 52 -11.10 -5.95 -1.74
N LYS C 53 -11.94 -6.90 -1.37
CA LYS C 53 -11.47 -8.17 -0.84
C LYS C 53 -12.41 -9.31 -1.21
N TYR C 54 -11.84 -10.47 -1.50
CA TYR C 54 -12.65 -11.67 -1.72
C TYR C 54 -12.14 -12.85 -0.93
N TYR C 55 -13.06 -13.60 -0.34
CA TYR C 55 -12.75 -14.83 0.39
C TYR C 55 -13.57 -15.97 -0.20
N SER C 56 -14.88 -15.75 -0.29
CA SER C 56 -15.80 -16.77 -0.81
C SER C 56 -17.17 -16.19 -1.15
N GLY C 57 -18.02 -16.99 -1.76
CA GLY C 57 -19.37 -16.57 -2.09
C GLY C 57 -19.45 -15.90 -3.46
N ASP C 58 -20.49 -15.09 -3.66
CA ASP C 58 -20.66 -14.37 -4.91
C ASP C 58 -19.31 -13.84 -5.36
N PRO C 59 -18.84 -14.31 -6.51
CA PRO C 59 -17.51 -13.96 -7.03
C PRO C 59 -17.37 -12.50 -7.46
N VAL C 60 -18.47 -11.76 -7.49
CA VAL C 60 -18.40 -10.34 -7.84
C VAL C 60 -18.42 -9.49 -6.58
N VAL C 61 -17.26 -8.93 -6.26
CA VAL C 61 -17.13 -8.05 -5.10
C VAL C 61 -17.39 -6.61 -5.50
N GLN C 62 -18.42 -6.01 -4.91
CA GLN C 62 -18.85 -4.68 -5.29
C GLN C 62 -18.37 -3.62 -4.31
N GLY C 63 -17.60 -2.66 -4.81
CA GLY C 63 -17.15 -1.54 -4.00
C GLY C 63 -18.17 -0.41 -4.02
N VAL C 64 -18.28 0.29 -2.89
CA VAL C 64 -19.30 1.33 -2.73
C VAL C 64 -19.11 2.51 -3.69
N ASN C 65 -17.90 2.65 -4.23
CA ASN C 65 -17.59 3.79 -5.11
C ASN C 65 -17.54 3.47 -6.60
N GLY C 66 -18.25 2.43 -7.02
CA GLY C 66 -18.35 2.10 -8.43
C GLY C 66 -17.34 1.09 -8.92
N PHE C 67 -16.32 0.82 -8.11
CA PHE C 67 -15.36 -0.22 -8.43
C PHE C 67 -15.97 -1.58 -8.15
N GLU C 68 -15.46 -2.60 -8.85
CA GLU C 68 -15.86 -3.97 -8.59
C GLU C 68 -14.78 -4.90 -9.11
N ALA C 69 -14.64 -6.06 -8.46
CA ALA C 69 -13.70 -7.07 -8.90
C ALA C 69 -14.42 -8.39 -8.99
N GLU C 70 -13.97 -9.24 -9.90
CA GLU C 70 -14.59 -10.56 -10.09
C GLU C 70 -13.60 -11.70 -9.97
N PHE C 71 -13.89 -12.65 -9.08
CA PHE C 71 -13.08 -13.85 -8.95
C PHE C 71 -13.45 -14.83 -10.06
N SER C 72 -12.45 -15.32 -10.76
CA SER C 72 -12.68 -16.28 -11.83
C SER C 72 -11.95 -17.59 -11.55
N LYS C 73 -12.71 -18.60 -11.12
CA LYS C 73 -12.16 -19.92 -10.87
C LYS C 73 -11.33 -20.40 -12.05
N SER C 74 -11.92 -20.38 -13.24
CA SER C 74 -11.27 -20.87 -14.44
C SER C 74 -10.02 -20.06 -14.81
N ASP C 75 -10.19 -18.74 -14.95
CA ASP C 75 -9.09 -17.86 -15.32
C ASP C 75 -8.02 -17.74 -14.23
N SER C 76 -8.39 -18.13 -13.01
CA SER C 76 -7.58 -17.84 -11.83
C SER C 76 -7.16 -16.37 -11.89
N SER C 77 -8.15 -15.51 -11.98
CA SER C 77 -7.90 -14.07 -12.09
C SER C 77 -8.84 -13.27 -11.19
N PHE C 78 -8.53 -11.99 -11.02
CA PHE C 78 -9.28 -11.11 -10.12
C PHE C 78 -9.27 -9.70 -10.69
N HIS C 79 -9.80 -9.54 -11.90
CA HIS C 79 -9.75 -8.26 -12.60
C HIS C 79 -10.60 -7.18 -11.96
N LEU C 80 -10.07 -5.96 -11.95
CA LEU C 80 -10.75 -4.81 -11.41
C LEU C 80 -11.42 -4.01 -12.53
N ARG C 81 -12.68 -3.62 -12.32
CA ARG C 81 -13.42 -2.86 -13.31
C ARG C 81 -14.16 -1.66 -12.71
N LYS C 82 -14.29 -0.61 -13.49
CA LYS C 82 -15.16 0.50 -13.13
C LYS C 82 -15.85 1.07 -14.37
N ALA C 83 -17.17 1.17 -14.30
CA ALA C 83 -17.97 1.64 -15.42
C ALA C 83 -17.56 3.03 -15.88
N SER C 84 -17.46 3.96 -14.94
CA SER C 84 -17.17 5.35 -15.26
C SER C 84 -16.15 5.94 -14.29
N VAL C 85 -14.92 6.12 -14.74
CA VAL C 85 -13.86 6.60 -13.86
C VAL C 85 -13.90 8.10 -13.60
N HIS C 86 -13.94 8.47 -12.31
CA HIS C 86 -13.84 9.85 -11.90
C HIS C 86 -12.38 10.29 -11.99
N TRP C 87 -12.12 11.59 -11.97
CA TRP C 87 -10.76 12.08 -12.10
C TRP C 87 -9.92 11.79 -10.86
N SER C 88 -10.58 11.67 -9.72
CA SER C 88 -9.91 11.38 -8.47
C SER C 88 -9.23 10.02 -8.50
N ASP C 89 -9.78 9.11 -9.30
CA ASP C 89 -9.31 7.73 -9.35
C ASP C 89 -7.87 7.58 -9.83
N SER C 90 -7.23 8.68 -10.19
CA SER C 90 -5.82 8.63 -10.59
C SER C 90 -4.96 8.19 -9.41
N ALA C 91 -4.34 7.02 -9.53
CA ALA C 91 -3.50 6.48 -8.48
C ALA C 91 -2.81 5.20 -8.95
N VAL C 92 -2.04 4.57 -8.06
CA VAL C 92 -1.43 3.30 -8.38
C VAL C 92 -2.26 2.19 -7.75
N TYR C 93 -2.67 1.22 -8.57
CA TYR C 93 -3.51 0.14 -8.08
C TYR C 93 -2.74 -1.17 -8.00
N PHE C 94 -2.82 -1.81 -6.84
CA PHE C 94 -2.09 -3.05 -6.60
C PHE C 94 -3.04 -4.23 -6.43
N CYS C 95 -2.66 -5.35 -7.03
CA CYS C 95 -3.38 -6.60 -6.82
C CYS C 95 -2.54 -7.47 -5.90
N ALA C 96 -3.17 -8.05 -4.89
CA ALA C 96 -2.45 -8.88 -3.93
C ALA C 96 -3.24 -10.15 -3.63
N VAL C 97 -2.52 -11.21 -3.27
CA VAL C 97 -3.16 -12.47 -2.95
C VAL C 97 -2.45 -13.19 -1.79
N SER C 98 -3.20 -14.04 -1.10
CA SER C 98 -2.64 -14.91 -0.09
C SER C 98 -3.36 -16.25 -0.14
N ALA C 99 -2.65 -17.32 0.17
CA ALA C 99 -3.23 -18.65 0.10
C ALA C 99 -3.54 -19.19 1.49
N LYS C 100 -4.40 -20.21 1.55
CA LYS C 100 -4.76 -20.85 2.80
C LYS C 100 -3.52 -21.31 3.55
N GLY C 101 -3.44 -20.97 4.83
CA GLY C 101 -2.30 -21.33 5.66
C GLY C 101 -1.22 -20.26 5.65
N THR C 102 -1.35 -19.31 4.73
CA THR C 102 -0.44 -18.16 4.66
C THR C 102 -1.25 -16.90 4.36
N GLY C 103 -2.52 -16.92 4.73
CA GLY C 103 -3.45 -15.85 4.43
C GLY C 103 -3.08 -14.50 5.03
N SER C 104 -1.96 -14.44 5.73
CA SER C 104 -1.52 -13.18 6.32
C SER C 104 -0.20 -12.74 5.69
N LYS C 105 0.24 -13.49 4.69
CA LYS C 105 1.42 -13.11 3.91
C LYS C 105 1.00 -12.80 2.48
N LEU C 106 0.85 -11.52 2.18
CA LEU C 106 0.39 -11.12 0.85
C LEU C 106 1.47 -11.18 -0.21
N SER C 107 1.06 -11.57 -1.41
CA SER C 107 1.91 -11.48 -2.59
C SER C 107 1.37 -10.32 -3.44
N PHE C 108 2.25 -9.38 -3.79
CA PHE C 108 1.81 -8.17 -4.48
C PHE C 108 2.22 -8.11 -5.96
N GLY C 109 1.41 -7.42 -6.76
CA GLY C 109 1.74 -7.18 -8.16
C GLY C 109 2.61 -5.93 -8.26
N LYS C 110 3.26 -5.75 -9.41
CA LYS C 110 4.13 -4.59 -9.59
C LYS C 110 3.33 -3.29 -9.60
N GLY C 111 2.01 -3.42 -9.70
CA GLY C 111 1.13 -2.26 -9.66
C GLY C 111 0.83 -1.66 -11.01
N ALA C 112 -0.07 -0.69 -11.02
CA ALA C 112 -0.46 -0.01 -12.24
C ALA C 112 -0.77 1.46 -11.99
N LYS C 113 -0.01 2.35 -12.63
CA LYS C 113 -0.25 3.77 -12.53
C LYS C 113 -1.43 4.17 -13.42
N LEU C 114 -2.58 4.43 -12.79
CA LEU C 114 -3.75 4.85 -13.54
C LEU C 114 -3.78 6.36 -13.70
N THR C 115 -3.67 6.81 -14.94
CA THR C 115 -3.75 8.23 -15.24
C THR C 115 -5.10 8.53 -15.87
N VAL C 116 -5.95 9.24 -15.13
CA VAL C 116 -7.25 9.64 -15.65
C VAL C 116 -7.14 10.90 -16.51
N SER C 117 -7.08 10.70 -17.82
CA SER C 117 -6.99 11.80 -18.77
C SER C 117 -8.07 12.86 -18.60
N PRO C 118 -7.65 14.13 -18.63
CA PRO C 118 -8.56 15.27 -18.56
C PRO C 118 -9.26 15.49 -19.89
N ASN C 119 -10.58 15.67 -19.86
CA ASN C 119 -11.35 15.94 -21.08
C ASN C 119 -11.41 17.43 -21.44
N ILE C 120 -10.37 17.89 -22.13
CA ILE C 120 -10.26 19.31 -22.52
C ILE C 120 -11.36 19.70 -23.50
N GLN C 121 -12.33 20.48 -23.01
CA GLN C 121 -13.50 20.84 -23.80
C GLN C 121 -13.26 22.02 -24.73
N ASN C 122 -12.59 23.06 -24.21
CA ASN C 122 -12.31 24.25 -25.01
C ASN C 122 -10.81 24.49 -25.17
N PRO C 123 -10.11 23.53 -25.79
CA PRO C 123 -8.65 23.60 -25.89
C PRO C 123 -8.18 24.73 -26.79
N ASP C 124 -7.25 25.53 -26.30
CA ASP C 124 -6.57 26.50 -27.14
C ASP C 124 -5.07 26.43 -26.89
N PRO C 125 -4.39 25.52 -27.60
CA PRO C 125 -2.94 25.33 -27.48
C PRO C 125 -2.22 26.67 -27.49
N ALA C 126 -1.10 26.76 -26.79
CA ALA C 126 -0.35 28.01 -26.71
C ALA C 126 1.02 27.82 -26.07
N VAL C 127 1.91 28.78 -26.33
CA VAL C 127 3.23 28.79 -25.71
C VAL C 127 3.60 30.20 -25.27
N TYR C 128 3.72 30.39 -23.97
CA TYR C 128 4.02 31.70 -23.41
C TYR C 128 5.40 31.70 -22.78
N GLN C 129 6.05 32.86 -22.78
CA GLN C 129 7.35 32.98 -22.14
C GLN C 129 7.23 33.64 -20.77
N LEU C 130 7.65 32.90 -19.74
CA LEU C 130 7.53 33.37 -18.36
C LEU C 130 8.90 33.78 -17.85
N ARG C 131 8.97 34.97 -17.26
CA ARG C 131 10.26 35.55 -16.89
C ARG C 131 10.49 35.57 -15.38
N ASP C 132 11.72 35.25 -14.98
CA ASP C 132 12.10 35.21 -13.57
C ASP C 132 11.72 36.50 -12.85
N SER C 133 11.13 36.36 -11.66
CA SER C 133 10.73 37.52 -10.87
C SER C 133 11.93 38.21 -10.23
N LYS C 134 12.95 37.43 -9.89
CA LYS C 134 14.18 37.96 -9.31
C LYS C 134 15.12 38.44 -10.42
N SER C 135 15.79 37.49 -11.06
CA SER C 135 16.66 37.80 -12.19
C SER C 135 15.81 38.30 -13.35
N SER C 136 16.10 39.51 -13.82
CA SER C 136 15.26 40.16 -14.82
C SER C 136 15.10 39.38 -16.12
N ASP C 137 16.10 38.60 -16.51
CA ASP C 137 16.08 37.95 -17.82
C ASP C 137 15.85 36.44 -17.79
N LYS C 138 16.66 35.72 -17.01
CA LYS C 138 16.57 34.26 -16.94
C LYS C 138 15.11 33.81 -17.00
N SER C 139 14.76 33.05 -18.05
CA SER C 139 13.35 32.74 -18.31
C SER C 139 13.04 31.28 -18.60
N VAL C 140 11.79 31.03 -19.00
CA VAL C 140 11.26 29.69 -19.19
C VAL C 140 10.13 29.72 -20.21
N CYS C 141 10.00 28.64 -20.99
CA CYS C 141 8.92 28.54 -21.97
C CYS C 141 7.83 27.59 -21.47
N LEU C 142 6.57 27.95 -21.73
CA LEU C 142 5.45 27.18 -21.21
C LEU C 142 4.43 26.76 -22.28
N PHE C 143 4.42 25.47 -22.60
CA PHE C 143 3.38 24.90 -23.44
C PHE C 143 2.20 24.58 -22.55
N THR C 144 1.01 25.05 -22.90
CA THR C 144 -0.13 24.90 -21.99
C THR C 144 -1.51 25.02 -22.66
N ASP C 145 -2.54 24.69 -21.89
CA ASP C 145 -3.93 24.81 -22.33
C ASP C 145 -4.29 24.01 -23.57
N PHE C 146 -3.53 22.94 -23.84
CA PHE C 146 -3.80 22.13 -25.02
C PHE C 146 -4.78 20.98 -24.76
N ASP C 147 -4.89 20.09 -25.75
CA ASP C 147 -5.89 19.02 -25.71
C ASP C 147 -5.39 17.77 -24.98
N SER C 148 -6.35 17.00 -24.47
CA SER C 148 -6.06 15.77 -23.73
C SER C 148 -5.18 14.81 -24.51
N GLN C 149 -5.50 14.60 -25.77
CA GLN C 149 -4.81 13.62 -26.60
C GLN C 149 -3.33 13.95 -26.79
N THR C 150 -3.06 15.09 -27.42
CA THR C 150 -1.70 15.50 -27.74
C THR C 150 -0.70 15.22 -26.61
N ASN C 151 0.53 14.88 -26.98
CA ASN C 151 1.55 14.58 -25.98
C ASN C 151 2.86 15.33 -26.22
N VAL C 152 3.78 15.20 -25.26
CA VAL C 152 5.07 15.85 -25.33
C VAL C 152 6.17 14.81 -25.44
N SER C 153 7.31 15.20 -26.00
CA SER C 153 8.42 14.27 -26.16
C SER C 153 9.72 14.83 -25.59
N GLN C 154 10.63 13.94 -25.23
CA GLN C 154 11.94 14.34 -24.71
C GLN C 154 12.61 15.36 -25.63
N SER C 155 13.56 16.11 -25.07
CA SER C 155 14.28 17.11 -25.86
C SER C 155 15.12 16.45 -26.94
N LYS C 156 14.96 16.92 -28.18
CA LYS C 156 15.79 16.44 -29.27
C LYS C 156 17.20 16.99 -29.12
N ASP C 157 17.30 18.21 -28.61
CA ASP C 157 18.58 18.86 -28.41
C ASP C 157 19.42 18.15 -27.36
N SER C 158 18.79 17.81 -26.23
CA SER C 158 19.45 17.18 -25.10
C SER C 158 20.19 18.22 -24.25
N ASP C 159 20.33 19.42 -24.79
CA ASP C 159 20.90 20.53 -24.03
C ASP C 159 19.76 21.38 -23.49
N VAL C 160 18.56 21.10 -24.00
CA VAL C 160 17.34 21.74 -23.54
C VAL C 160 16.54 20.77 -22.67
N TYR C 161 15.92 21.28 -21.62
CA TYR C 161 15.14 20.43 -20.72
C TYR C 161 13.64 20.59 -20.96
N ILE C 162 12.90 19.52 -20.71
CA ILE C 162 11.46 19.52 -20.96
C ILE C 162 10.78 18.41 -20.18
N THR C 163 9.66 18.75 -19.53
CA THR C 163 8.95 17.82 -18.67
C THR C 163 7.65 17.36 -19.29
N ASP C 164 7.36 16.05 -19.18
CA ASP C 164 6.13 15.49 -19.69
C ASP C 164 4.93 16.29 -19.22
N LYS C 165 3.81 16.15 -19.92
CA LYS C 165 2.62 16.94 -19.61
C LYS C 165 2.21 16.74 -18.15
N CYS C 166 1.39 17.67 -17.67
CA CYS C 166 1.00 17.69 -16.27
C CYS C 166 -0.33 18.43 -16.12
N VAL C 167 -1.28 17.80 -15.45
CA VAL C 167 -2.62 18.36 -15.35
C VAL C 167 -2.87 19.05 -14.01
N LEU C 168 -3.33 20.29 -14.07
CA LEU C 168 -3.72 21.01 -12.87
C LEU C 168 -5.23 21.24 -12.89
N ASP C 169 -5.80 21.47 -11.71
CA ASP C 169 -7.24 21.69 -11.60
C ASP C 169 -7.56 22.91 -10.74
N MET C 170 -8.09 23.95 -11.38
CA MET C 170 -8.57 25.11 -10.65
C MET C 170 -9.96 24.81 -10.12
N ARG C 171 -10.01 24.06 -9.03
CA ARG C 171 -11.27 23.60 -8.43
C ARG C 171 -12.25 24.74 -8.25
N SER C 172 -11.77 25.84 -7.68
CA SER C 172 -12.60 27.00 -7.37
C SER C 172 -13.63 27.29 -8.47
N MET C 173 -13.24 27.07 -9.72
CA MET C 173 -14.12 27.36 -10.85
C MET C 173 -14.14 26.25 -11.89
N ASP C 174 -14.16 25.01 -11.42
CA ASP C 174 -14.32 23.84 -12.28
C ASP C 174 -13.60 23.98 -13.63
N PHE C 175 -12.28 24.07 -13.59
CA PHE C 175 -11.48 24.17 -14.81
C PHE C 175 -10.21 23.34 -14.71
N LYS C 176 -9.80 22.76 -15.84
CA LYS C 176 -8.59 21.94 -15.88
C LYS C 176 -7.78 22.22 -17.15
N SER C 177 -6.47 22.05 -17.07
CA SER C 177 -5.59 22.31 -18.20
C SER C 177 -4.29 21.53 -18.12
N ASN C 178 -3.74 21.17 -19.27
CA ASN C 178 -2.45 20.49 -19.34
C ASN C 178 -1.31 21.50 -19.38
N SER C 179 -0.08 21.04 -19.14
CA SER C 179 1.05 21.94 -19.09
C SER C 179 2.39 21.21 -19.25
N ALA C 180 3.24 21.74 -20.12
CA ALA C 180 4.60 21.25 -20.27
C ALA C 180 5.55 22.42 -20.05
N VAL C 181 6.77 22.11 -19.61
CA VAL C 181 7.73 23.16 -19.30
C VAL C 181 9.07 22.92 -19.99
N ALA C 182 9.59 23.96 -20.65
CA ALA C 182 10.87 23.88 -21.33
C ALA C 182 11.81 24.96 -20.84
N TRP C 183 13.11 24.67 -20.85
CA TRP C 183 14.11 25.66 -20.47
C TRP C 183 15.53 25.15 -20.68
N SER C 184 16.44 26.07 -20.94
CA SER C 184 17.87 25.76 -21.03
C SER C 184 18.68 27.00 -20.68
N ASN C 185 19.43 26.90 -19.59
CA ASN C 185 20.21 28.04 -19.11
C ASN C 185 21.15 28.64 -20.17
N LYS C 186 21.37 27.90 -21.26
CA LYS C 186 22.06 28.46 -22.41
C LYS C 186 21.22 29.62 -22.93
N SER C 187 21.80 30.82 -22.90
CA SER C 187 21.07 32.04 -23.23
C SER C 187 20.30 31.94 -24.54
N ASP C 188 20.81 31.13 -25.47
CA ASP C 188 20.19 30.99 -26.78
C ASP C 188 19.10 29.92 -26.78
N PHE C 189 17.85 30.36 -26.82
CA PHE C 189 16.69 29.47 -26.74
C PHE C 189 15.41 30.25 -26.98
N ALA C 190 14.54 29.73 -27.85
CA ALA C 190 13.28 30.42 -28.17
C ALA C 190 12.07 29.50 -28.02
N CYS C 191 10.89 30.10 -27.97
CA CYS C 191 9.65 29.34 -27.81
C CYS C 191 9.50 28.27 -28.87
N ALA C 192 9.56 28.68 -30.14
CA ALA C 192 9.46 27.73 -31.24
C ALA C 192 10.66 26.80 -31.29
N ASN C 193 11.75 27.22 -30.63
CA ASN C 193 12.97 26.43 -30.58
C ASN C 193 12.82 25.19 -29.71
N ALA C 194 11.79 25.19 -28.87
CA ALA C 194 11.45 24.02 -28.07
C ALA C 194 10.08 23.50 -28.47
N PHE C 195 9.73 22.31 -28.00
CA PHE C 195 8.46 21.70 -28.35
C PHE C 195 8.40 21.46 -29.86
N ASN C 196 9.58 21.44 -30.49
CA ASN C 196 9.70 21.19 -31.91
C ASN C 196 9.16 19.82 -32.27
N ASN C 197 8.79 19.06 -31.25
CA ASN C 197 8.36 17.69 -31.44
C ASN C 197 6.85 17.48 -31.38
N SER C 198 6.23 17.48 -32.55
CA SER C 198 4.82 17.10 -32.69
C SER C 198 3.86 17.95 -31.88
N ILE C 199 3.90 19.26 -32.09
CA ILE C 199 2.94 20.16 -31.47
C ILE C 199 1.90 20.63 -32.48
N ILE C 200 0.68 20.86 -32.01
CA ILE C 200 -0.42 21.31 -32.85
C ILE C 200 -0.04 22.56 -33.64
N PRO C 201 -0.40 22.60 -34.93
CA PRO C 201 -0.10 23.76 -35.77
C PRO C 201 -0.92 24.98 -35.36
N GLU C 202 -1.75 24.81 -34.34
CA GLU C 202 -2.71 25.82 -33.93
C GLU C 202 -2.24 26.60 -32.70
N ASP C 203 -1.14 26.18 -32.10
CA ASP C 203 -0.65 26.81 -30.88
C ASP C 203 -0.07 28.20 -31.14
N THR C 204 -0.34 29.13 -30.24
CA THR C 204 0.06 30.53 -30.40
C THR C 204 1.49 30.76 -29.90
N PHE C 205 2.00 31.97 -30.11
CA PHE C 205 3.37 32.33 -29.68
C PHE C 205 3.47 33.80 -29.28
N ALA D 5 -4.51 3.63 12.11
CA ALA D 5 -3.47 4.64 12.24
C ALA D 5 -2.12 4.01 12.51
N VAL D 6 -1.24 4.09 11.51
CA VAL D 6 0.11 3.55 11.62
C VAL D 6 1.12 4.66 11.37
N THR D 7 1.90 4.99 12.38
CA THR D 7 2.88 6.06 12.25
C THR D 7 4.30 5.51 12.24
N GLN D 8 5.10 6.00 11.31
CA GLN D 8 6.49 5.57 11.20
C GLN D 8 7.41 6.77 11.10
N SER D 9 8.67 6.59 11.48
CA SER D 9 9.66 7.67 11.44
C SER D 9 11.07 7.10 11.44
N PRO D 10 12.02 7.84 10.85
CA PRO D 10 11.79 9.16 10.24
C PRO D 10 11.17 9.05 8.85
N ARG D 11 10.33 10.01 8.50
CA ARG D 11 9.71 10.04 7.18
C ARG D 11 10.77 10.17 6.09
N ASN D 12 11.82 10.94 6.37
CA ASN D 12 12.92 11.11 5.43
C ASN D 12 14.28 10.98 6.13
N LYS D 13 15.21 10.28 5.49
CA LYS D 13 16.57 10.22 6.00
C LYS D 13 17.58 9.98 4.88
N VAL D 14 18.70 10.70 4.93
CA VAL D 14 19.81 10.47 4.02
C VAL D 14 20.97 9.89 4.82
N THR D 15 21.66 8.91 4.23
CA THR D 15 22.79 8.30 4.90
C THR D 15 23.85 7.89 3.88
N VAL D 16 25.02 7.53 4.37
CA VAL D 16 26.11 7.11 3.49
C VAL D 16 26.41 5.62 3.68
N THR D 17 27.03 5.02 2.68
CA THR D 17 27.38 3.60 2.74
C THR D 17 28.14 3.28 4.02
N GLY D 18 27.57 2.39 4.82
CA GLY D 18 28.19 1.98 6.08
C GLY D 18 27.43 2.47 7.29
N GLY D 19 26.65 3.54 7.11
CA GLY D 19 25.88 4.12 8.19
C GLY D 19 24.96 3.12 8.87
N ASN D 20 24.35 3.55 9.97
CA ASN D 20 23.40 2.73 10.69
C ASN D 20 22.06 3.44 10.83
N VAL D 21 21.00 2.81 10.34
CA VAL D 21 19.69 3.43 10.33
C VAL D 21 18.64 2.56 11.03
N THR D 22 17.71 3.20 11.71
CA THR D 22 16.60 2.51 12.36
C THR D 22 15.28 3.17 11.98
N LEU D 23 14.38 2.39 11.39
CA LEU D 23 13.05 2.89 11.07
C LEU D 23 12.05 2.43 12.12
N SER D 24 11.32 3.38 12.70
CA SER D 24 10.39 3.07 13.76
C SER D 24 8.95 3.06 13.26
N CYS D 25 8.15 2.15 13.80
CA CYS D 25 6.73 2.08 13.46
C CYS D 25 5.90 1.77 14.70
N ARG D 26 4.93 2.62 15.00
CA ARG D 26 4.03 2.39 16.11
C ARG D 26 2.60 2.38 15.62
N GLN D 27 1.77 1.50 16.18
CA GLN D 27 0.39 1.36 15.76
C GLN D 27 -0.58 1.57 16.91
N THR D 28 -1.50 2.53 16.74
CA THR D 28 -2.51 2.80 17.74
C THR D 28 -3.47 1.61 17.83
N ASN D 29 -3.71 0.97 16.70
CA ASN D 29 -4.53 -0.24 16.67
C ASN D 29 -3.89 -1.31 17.54
N SER D 30 -4.63 -2.38 17.80
CA SER D 30 -4.13 -3.44 18.67
C SER D 30 -3.79 -4.69 17.89
N HIS D 31 -3.49 -4.51 16.61
CA HIS D 31 -3.26 -5.62 15.71
C HIS D 31 -2.04 -6.45 16.09
N ASN D 32 -2.12 -7.75 15.83
CA ASN D 32 -1.03 -8.65 16.14
C ASN D 32 0.05 -8.65 15.05
N TYR D 33 -0.36 -8.72 13.79
CA TYR D 33 0.57 -8.71 12.68
C TYR D 33 1.10 -7.31 12.36
N MET D 34 2.41 -7.21 12.18
CA MET D 34 3.02 -5.99 11.67
C MET D 34 4.03 -6.35 10.59
N TYR D 35 4.18 -5.50 9.59
CA TYR D 35 5.04 -5.79 8.45
C TYR D 35 5.96 -4.63 8.13
N TRP D 36 7.10 -4.94 7.52
CA TRP D 36 7.96 -3.92 6.92
C TRP D 36 8.15 -4.24 5.45
N TYR D 37 7.76 -3.30 4.59
CA TYR D 37 7.88 -3.48 3.15
C TYR D 37 8.81 -2.43 2.55
N ARG D 38 9.38 -2.75 1.40
CA ARG D 38 10.07 -1.75 0.60
C ARG D 38 9.40 -1.65 -0.77
N GLN D 39 9.28 -0.42 -1.28
CA GLN D 39 8.67 -0.20 -2.58
C GLN D 39 9.66 0.39 -3.57
N ASP D 40 9.95 -0.37 -4.63
CA ASP D 40 10.83 0.11 -5.69
C ASP D 40 10.12 -0.07 -7.02
N THR D 41 10.00 1.01 -7.78
CA THR D 41 9.40 0.93 -9.10
C THR D 41 10.09 -0.17 -9.90
N GLY D 42 9.31 -1.15 -10.35
CA GLY D 42 9.85 -2.30 -11.06
C GLY D 42 9.78 -3.56 -10.23
N HIS D 43 9.53 -3.40 -8.93
CA HIS D 43 9.41 -4.55 -8.02
C HIS D 43 8.19 -4.44 -7.13
N GLY D 44 7.50 -3.30 -7.19
CA GLY D 44 6.35 -3.07 -6.33
C GLY D 44 6.71 -3.17 -4.87
N LEU D 45 5.86 -3.83 -4.09
CA LEU D 45 6.10 -4.01 -2.67
C LEU D 45 6.67 -5.39 -2.35
N ARG D 46 7.83 -5.42 -1.69
CA ARG D 46 8.46 -6.66 -1.30
C ARG D 46 8.64 -6.74 0.22
N LEU D 47 8.13 -7.81 0.82
CA LEU D 47 8.17 -7.98 2.26
C LEU D 47 9.59 -8.24 2.80
N ILE D 48 10.00 -7.47 3.80
CA ILE D 48 11.29 -7.64 4.42
C ILE D 48 11.23 -8.54 5.66
N HIS D 49 10.50 -8.08 6.67
CA HIS D 49 10.24 -8.90 7.87
C HIS D 49 8.81 -8.67 8.34
N TYR D 50 8.29 -9.60 9.13
CA TYR D 50 7.00 -9.39 9.76
C TYR D 50 6.88 -10.08 11.12
N SER D 51 5.79 -9.80 11.83
CA SER D 51 5.67 -10.25 13.21
C SER D 51 4.23 -10.54 13.61
N TYR D 52 4.02 -11.69 14.22
CA TYR D 52 2.71 -12.07 14.75
C TYR D 52 2.75 -11.97 16.27
N GLY D 53 2.35 -10.83 16.80
CA GLY D 53 2.36 -10.62 18.24
C GLY D 53 3.70 -10.13 18.77
N ALA D 54 3.69 -9.63 20.00
CA ALA D 54 4.90 -9.11 20.64
C ALA D 54 5.99 -10.17 20.75
N GLY D 55 7.23 -9.75 20.53
CA GLY D 55 8.37 -10.64 20.63
C GLY D 55 8.30 -11.80 19.65
N ASN D 56 7.97 -11.50 18.41
CA ASN D 56 7.95 -12.51 17.36
C ASN D 56 8.55 -11.99 16.05
N LEU D 57 9.33 -12.83 15.39
CA LEU D 57 9.96 -12.44 14.14
C LEU D 57 9.91 -13.55 13.09
N GLN D 58 9.59 -13.16 11.87
CA GLN D 58 9.50 -14.09 10.75
C GLN D 58 10.09 -13.48 9.49
N ILE D 59 11.14 -14.10 8.97
CA ILE D 59 11.79 -13.64 7.75
C ILE D 59 10.78 -13.39 6.63
N GLY D 60 11.02 -12.35 5.84
CA GLY D 60 10.18 -12.04 4.69
C GLY D 60 10.78 -12.56 3.40
N ASP D 61 10.43 -11.93 2.28
CA ASP D 61 10.90 -12.36 0.97
C ASP D 61 12.31 -11.86 0.67
N VAL D 62 12.66 -10.70 1.21
CA VAL D 62 13.94 -10.06 0.91
C VAL D 62 14.63 -9.51 2.16
N PRO D 63 14.85 -10.38 3.16
CA PRO D 63 15.35 -9.96 4.48
C PRO D 63 16.85 -9.66 4.54
N ASP D 64 17.56 -9.86 3.43
CA ASP D 64 19.00 -9.65 3.43
C ASP D 64 19.39 -8.20 3.71
N GLY D 65 20.29 -8.01 4.67
CA GLY D 65 20.77 -6.68 5.01
C GLY D 65 19.83 -5.94 5.95
N TYR D 66 18.88 -6.68 6.54
CA TYR D 66 17.92 -6.08 7.46
C TYR D 66 17.80 -6.91 8.73
N LYS D 67 17.37 -6.25 9.80
CA LYS D 67 17.06 -6.92 11.06
C LYS D 67 15.82 -6.26 11.65
N ALA D 68 15.07 -7.00 12.44
CA ALA D 68 13.83 -6.47 13.01
C ALA D 68 13.64 -6.86 14.46
N THR D 69 12.96 -6.00 15.21
CA THR D 69 12.60 -6.30 16.59
C THR D 69 11.16 -5.90 16.91
N ARG D 70 10.38 -6.86 17.37
CA ARG D 70 9.03 -6.58 17.85
C ARG D 70 9.10 -6.46 19.36
N THR D 71 9.53 -5.30 19.84
CA THR D 71 9.73 -5.07 21.27
C THR D 71 8.42 -5.18 22.04
N THR D 72 7.38 -4.52 21.52
CA THR D 72 6.07 -4.56 22.14
C THR D 72 5.00 -4.87 21.11
N GLN D 73 3.76 -4.91 21.56
CA GLN D 73 2.62 -5.15 20.67
C GLN D 73 2.48 -4.03 19.64
N GLU D 74 2.73 -2.80 20.05
CA GLU D 74 2.46 -1.64 19.19
C GLU D 74 3.71 -1.10 18.50
N ASP D 75 4.86 -1.69 18.79
CA ASP D 75 6.11 -1.20 18.21
C ASP D 75 6.82 -2.27 17.38
N PHE D 76 7.34 -1.86 16.22
CA PHE D 76 8.05 -2.75 15.33
C PHE D 76 9.16 -1.98 14.63
N PHE D 77 10.40 -2.43 14.79
CA PHE D 77 11.55 -1.69 14.28
C PHE D 77 12.26 -2.41 13.16
N LEU D 78 12.61 -1.65 12.12
CA LEU D 78 13.44 -2.16 11.04
C LEU D 78 14.84 -1.63 11.23
N LEU D 79 15.83 -2.49 11.07
CA LEU D 79 17.20 -2.14 11.40
C LEU D 79 18.19 -2.38 10.27
N LEU D 80 18.74 -1.30 9.72
CA LEU D 80 19.77 -1.39 8.71
C LEU D 80 21.12 -1.08 9.34
N GLU D 81 21.92 -2.10 9.58
CA GLU D 81 23.19 -1.93 10.28
C GLU D 81 24.36 -1.55 9.37
N LEU D 82 24.29 -1.98 8.11
CA LEU D 82 25.33 -1.66 7.14
C LEU D 82 24.70 -1.19 5.84
N ALA D 83 24.30 0.07 5.80
CA ALA D 83 23.57 0.62 4.67
C ALA D 83 24.28 0.45 3.33
N SER D 84 23.63 -0.24 2.40
CA SER D 84 24.11 -0.33 1.04
C SER D 84 23.25 0.58 0.16
N PRO D 85 23.86 1.18 -0.87
CA PRO D 85 23.12 2.06 -1.78
C PRO D 85 21.89 1.37 -2.37
N SER D 86 21.94 0.06 -2.50
CA SER D 86 20.82 -0.71 -3.04
C SER D 86 19.61 -0.62 -2.12
N GLN D 87 19.86 -0.32 -0.85
CA GLN D 87 18.79 -0.21 0.12
C GLN D 87 18.04 1.11 0.00
N THR D 88 18.53 1.99 -0.88
CA THR D 88 17.79 3.20 -1.20
C THR D 88 16.41 2.79 -1.69
N SER D 89 15.38 3.23 -0.98
CA SER D 89 14.03 2.83 -1.30
C SER D 89 12.98 3.56 -0.46
N LEU D 90 11.71 3.34 -0.81
CA LEU D 90 10.60 3.87 -0.02
C LEU D 90 10.08 2.74 0.86
N TYR D 91 10.19 2.91 2.17
CA TYR D 91 9.84 1.85 3.12
C TYR D 91 8.46 2.05 3.74
N PHE D 92 7.73 0.94 3.91
CA PHE D 92 6.37 1.01 4.45
C PHE D 92 6.17 0.07 5.62
N CYS D 93 5.38 0.54 6.59
CA CYS D 93 5.03 -0.28 7.74
C CYS D 93 3.53 -0.53 7.73
N ALA D 94 3.14 -1.75 8.08
CA ALA D 94 1.72 -2.11 8.06
C ALA D 94 1.33 -3.00 9.23
N SER D 95 0.06 -2.93 9.62
CA SER D 95 -0.49 -3.79 10.66
C SER D 95 -1.73 -4.49 10.13
N SER D 96 -2.13 -5.57 10.80
CA SER D 96 -3.28 -6.34 10.35
C SER D 96 -3.82 -7.21 11.48
N ASP D 97 -5.14 -7.32 11.55
CA ASP D 97 -5.80 -8.22 12.47
C ASP D 97 -6.71 -9.16 11.69
N ALA D 98 -6.58 -9.13 10.37
CA ALA D 98 -7.36 -9.99 9.48
C ALA D 98 -6.51 -10.38 8.28
N PRO D 99 -6.69 -11.61 7.79
CA PRO D 99 -5.87 -12.18 6.72
C PRO D 99 -5.89 -11.35 5.43
N GLY D 100 -4.73 -10.82 5.05
CA GLY D 100 -4.60 -10.10 3.79
C GLY D 100 -5.13 -8.67 3.86
N GLN D 101 -5.51 -8.22 5.05
CA GLN D 101 -6.03 -6.87 5.22
C GLN D 101 -5.06 -5.99 6.01
N LEU D 102 -4.27 -5.20 5.29
CA LEU D 102 -3.21 -4.42 5.92
C LEU D 102 -3.50 -2.93 5.94
N TYR D 103 -3.15 -2.30 7.05
CA TYR D 103 -3.20 -0.85 7.17
C TYR D 103 -1.78 -0.31 7.04
N PHE D 104 -1.59 0.67 6.16
CA PHE D 104 -0.24 1.16 5.86
C PHE D 104 0.08 2.51 6.47
N GLY D 105 1.38 2.76 6.66
CA GLY D 105 1.85 4.05 7.11
C GLY D 105 2.13 4.92 5.90
N GLU D 106 2.50 6.18 6.16
CA GLU D 106 2.73 7.14 5.08
C GLU D 106 4.04 6.86 4.35
N GLY D 107 4.91 6.07 4.97
CA GLY D 107 6.15 5.67 4.33
C GLY D 107 7.36 6.48 4.73
N SER D 108 8.53 5.89 4.57
CA SER D 108 9.79 6.54 4.91
C SER D 108 10.75 6.48 3.72
N LYS D 109 11.03 7.65 3.13
CA LYS D 109 11.96 7.72 2.00
C LYS D 109 13.41 7.76 2.47
N LEU D 110 14.18 6.73 2.11
CA LEU D 110 15.57 6.64 2.53
C LEU D 110 16.50 6.60 1.34
N THR D 111 17.38 7.58 1.25
CA THR D 111 18.43 7.59 0.23
C THR D 111 19.75 7.16 0.85
N VAL D 112 20.34 6.12 0.32
CA VAL D 112 21.65 5.65 0.79
C VAL D 112 22.71 6.05 -0.23
N LEU D 113 23.45 7.10 0.08
CA LEU D 113 24.44 7.65 -0.84
C LEU D 113 25.76 6.88 -0.80
N GLU D 114 26.50 6.95 -1.89
CA GLU D 114 27.81 6.33 -1.97
C GLU D 114 28.85 7.31 -1.46
N ASP D 115 28.63 8.59 -1.75
CA ASP D 115 29.61 9.62 -1.45
C ASP D 115 28.97 10.99 -1.29
N LEU D 116 29.18 11.62 -0.14
CA LEU D 116 28.57 12.91 0.16
C LEU D 116 29.17 14.04 -0.66
N LYS D 117 30.28 13.75 -1.33
CA LYS D 117 31.00 14.76 -2.10
C LYS D 117 30.12 15.38 -3.18
N ASN D 118 29.01 14.71 -3.51
CA ASN D 118 28.16 15.16 -4.59
C ASN D 118 26.77 15.61 -4.14
N VAL D 119 26.61 15.87 -2.85
CA VAL D 119 25.33 16.33 -2.32
C VAL D 119 25.19 17.84 -2.47
N PHE D 120 24.09 18.26 -3.09
CA PHE D 120 23.85 19.69 -3.31
C PHE D 120 22.36 20.02 -3.22
N PRO D 121 22.03 21.06 -2.44
CA PRO D 121 20.65 21.51 -2.26
C PRO D 121 20.14 22.17 -3.54
N PRO D 122 18.82 22.27 -3.68
CA PRO D 122 18.20 22.80 -4.91
C PRO D 122 18.34 24.30 -5.04
N GLU D 123 18.29 24.79 -6.27
CA GLU D 123 18.21 26.21 -6.53
C GLU D 123 16.80 26.51 -7.03
N VAL D 124 16.07 27.32 -6.28
CA VAL D 124 14.66 27.56 -6.56
C VAL D 124 14.44 28.92 -7.20
N ALA D 125 13.68 28.95 -8.29
CA ALA D 125 13.36 30.20 -8.96
C ALA D 125 11.89 30.23 -9.35
N VAL D 126 11.26 31.39 -9.17
CA VAL D 126 9.88 31.55 -9.59
C VAL D 126 9.79 32.44 -10.83
N PHE D 127 8.99 32.03 -11.80
CA PHE D 127 8.81 32.80 -13.01
C PHE D 127 7.39 33.31 -13.10
N GLU D 128 7.24 34.62 -13.30
CA GLU D 128 5.92 35.25 -13.34
C GLU D 128 5.18 34.95 -14.64
N PRO D 129 3.84 35.07 -14.60
CA PRO D 129 2.98 34.78 -15.75
C PRO D 129 3.30 35.66 -16.95
N SER D 130 3.01 35.15 -18.15
CA SER D 130 3.19 35.92 -19.38
C SER D 130 2.00 36.85 -19.59
N GLU D 131 2.26 38.04 -20.11
CA GLU D 131 1.20 39.02 -20.33
C GLU D 131 0.19 38.53 -21.37
N ALA D 132 0.70 37.94 -22.44
CA ALA D 132 -0.16 37.42 -23.50
C ALA D 132 -1.20 36.47 -22.91
N GLU D 133 -0.74 35.56 -22.06
CA GLU D 133 -1.62 34.61 -21.41
C GLU D 133 -2.71 35.34 -20.64
N ILE D 134 -2.30 36.33 -19.86
CA ILE D 134 -3.24 37.08 -19.03
C ILE D 134 -4.38 37.68 -19.84
N SER D 135 -4.07 38.18 -21.01
CA SER D 135 -5.08 38.79 -21.88
C SER D 135 -5.86 37.72 -22.66
N HIS D 136 -5.12 36.76 -23.22
CA HIS D 136 -5.73 35.71 -24.03
C HIS D 136 -6.61 34.77 -23.22
N THR D 137 -6.13 34.36 -22.05
CA THR D 137 -6.80 33.34 -21.24
C THR D 137 -7.55 33.90 -20.04
N GLN D 138 -7.19 35.12 -19.63
CA GLN D 138 -7.79 35.73 -18.45
C GLN D 138 -7.37 35.01 -17.18
N LYS D 139 -6.26 34.28 -17.27
CA LYS D 139 -5.72 33.55 -16.13
C LYS D 139 -4.20 33.61 -16.12
N ALA D 140 -3.62 33.75 -14.93
CA ALA D 140 -2.18 33.85 -14.78
C ALA D 140 -1.59 32.55 -14.25
N THR D 141 -0.53 32.09 -14.89
CA THR D 141 0.11 30.83 -14.52
C THR D 141 1.55 31.06 -14.10
N LEU D 142 1.85 30.82 -12.83
CA LEU D 142 3.22 30.87 -12.35
C LEU D 142 3.92 29.52 -12.54
N VAL D 143 5.22 29.56 -12.71
CA VAL D 143 6.02 28.34 -12.79
C VAL D 143 7.14 28.40 -11.77
N CYS D 144 7.41 27.27 -11.11
CA CYS D 144 8.53 27.19 -10.18
C CYS D 144 9.51 26.13 -10.63
N LEU D 145 10.80 26.41 -10.45
CA LEU D 145 11.84 25.50 -10.89
C LEU D 145 12.85 25.22 -9.79
N ALA D 146 13.05 23.94 -9.49
CA ALA D 146 14.09 23.53 -8.56
C ALA D 146 15.19 22.84 -9.35
N THR D 147 16.41 23.35 -9.26
CA THR D 147 17.50 22.84 -10.07
C THR D 147 18.78 22.54 -9.29
N GLY D 148 19.61 21.66 -9.85
CA GLY D 148 20.92 21.38 -9.29
C GLY D 148 20.92 20.68 -7.95
N PHE D 149 19.90 19.88 -7.69
CA PHE D 149 19.84 19.17 -6.42
C PHE D 149 20.13 17.67 -6.53
N TYR D 150 20.80 17.15 -5.51
CA TYR D 150 21.13 15.74 -5.42
C TYR D 150 21.40 15.45 -3.94
N PRO D 151 20.82 14.37 -3.42
CA PRO D 151 20.04 13.34 -4.12
C PRO D 151 18.65 13.78 -4.52
N ASP D 152 17.88 12.86 -5.06
CA ASP D 152 16.50 13.10 -5.45
C ASP D 152 15.59 12.92 -4.25
N HIS D 153 15.61 13.89 -3.34
CA HIS D 153 14.91 13.79 -2.07
C HIS D 153 14.32 15.14 -1.68
N VAL D 154 13.29 15.57 -2.41
CA VAL D 154 12.70 16.89 -2.19
C VAL D 154 11.18 16.87 -2.12
N GLU D 155 10.62 17.91 -1.51
CA GLU D 155 9.17 18.10 -1.46
C GLU D 155 8.84 19.55 -1.79
N LEU D 156 8.08 19.75 -2.86
CA LEU D 156 7.76 21.09 -3.32
C LEU D 156 6.32 21.50 -3.00
N SER D 157 6.16 22.69 -2.43
CA SER D 157 4.84 23.19 -2.10
C SER D 157 4.67 24.64 -2.54
N TRP D 158 3.44 25.02 -2.85
CA TRP D 158 3.12 26.41 -3.18
C TRP D 158 2.49 27.10 -1.98
N TRP D 159 2.71 28.40 -1.85
CA TRP D 159 2.14 29.16 -0.75
C TRP D 159 1.62 30.51 -1.22
N VAL D 160 0.35 30.76 -0.96
CA VAL D 160 -0.29 32.01 -1.33
C VAL D 160 -0.75 32.75 -0.07
N ASN D 161 -0.16 33.91 0.17
CA ASN D 161 -0.48 34.72 1.34
C ASN D 161 -0.46 33.95 2.65
N GLY D 162 0.56 33.13 2.84
CA GLY D 162 0.76 32.45 4.10
C GLY D 162 0.14 31.08 4.20
N LYS D 163 -0.67 30.70 3.21
CA LYS D 163 -1.33 29.40 3.23
C LYS D 163 -0.92 28.51 2.06
N GLU D 164 -0.55 27.27 2.38
CA GLU D 164 -0.26 26.29 1.35
C GLU D 164 -1.52 26.01 0.54
N VAL D 165 -1.39 26.01 -0.78
CA VAL D 165 -2.53 25.75 -1.65
C VAL D 165 -2.32 24.47 -2.43
N HIS D 166 -3.42 23.88 -2.88
CA HIS D 166 -3.35 22.67 -3.70
C HIS D 166 -4.13 22.85 -4.99
N SER D 167 -5.29 23.48 -4.88
CA SER D 167 -6.07 23.84 -6.06
C SER D 167 -5.20 24.63 -7.04
N GLY D 168 -5.25 24.25 -8.31
CA GLY D 168 -4.52 24.96 -9.34
C GLY D 168 -3.05 24.62 -9.40
N VAL D 169 -2.64 23.60 -8.65
CA VAL D 169 -1.24 23.19 -8.62
C VAL D 169 -1.01 21.87 -9.35
N CYS D 170 0.17 21.71 -9.92
CA CYS D 170 0.55 20.46 -10.55
C CYS D 170 2.07 20.36 -10.64
N THR D 171 2.64 19.42 -9.89
CA THR D 171 4.09 19.25 -9.86
C THR D 171 4.50 17.96 -10.56
N ASP D 172 5.59 18.02 -11.33
CA ASP D 172 6.12 16.84 -12.00
C ASP D 172 6.19 15.66 -11.03
N PRO D 173 5.58 14.54 -11.40
CA PRO D 173 5.61 13.33 -10.57
C PRO D 173 7.03 12.83 -10.38
N GLN D 174 7.91 13.15 -11.33
CA GLN D 174 9.30 12.69 -11.28
C GLN D 174 10.26 13.80 -11.71
N PRO D 175 11.40 13.92 -11.00
CA PRO D 175 12.44 14.87 -11.39
C PRO D 175 13.06 14.46 -12.71
N LEU D 176 14.19 15.05 -13.07
CA LEU D 176 14.91 14.66 -14.27
C LEU D 176 16.39 14.98 -14.18
N LYS D 177 17.22 14.01 -14.55
CA LYS D 177 18.67 14.17 -14.53
C LYS D 177 19.08 15.31 -15.46
N GLU D 178 19.60 16.38 -14.89
CA GLU D 178 20.07 17.50 -15.68
C GLU D 178 21.01 16.99 -16.77
N GLN D 179 21.90 16.08 -16.39
CA GLN D 179 22.78 15.44 -17.35
C GLN D 179 22.72 13.91 -17.16
N PRO D 180 21.73 13.28 -17.82
CA PRO D 180 21.41 11.86 -17.70
C PRO D 180 22.63 10.94 -17.82
N ALA D 181 23.65 11.40 -18.54
CA ALA D 181 24.86 10.61 -18.74
C ALA D 181 25.50 10.21 -17.42
N LEU D 182 25.79 11.20 -16.58
CA LEU D 182 26.42 10.93 -15.29
C LEU D 182 25.57 10.03 -14.41
N ASN D 183 26.24 9.10 -13.72
CA ASN D 183 25.54 8.20 -12.80
C ASN D 183 24.89 8.95 -11.65
N ASP D 184 25.61 9.91 -11.09
CA ASP D 184 25.09 10.74 -10.02
C ASP D 184 24.85 12.17 -10.49
N SER D 185 23.91 12.32 -11.42
CA SER D 185 23.57 13.63 -11.97
C SER D 185 22.73 14.45 -11.00
N ARG D 186 22.77 15.78 -11.17
CA ARG D 186 21.91 16.67 -10.42
C ARG D 186 20.49 16.55 -10.98
N TYR D 187 19.49 16.86 -10.16
CA TYR D 187 18.10 16.75 -10.58
C TYR D 187 17.43 18.12 -10.72
N ALA D 188 16.33 18.14 -11.45
CA ALA D 188 15.56 19.37 -11.66
C ALA D 188 14.06 19.05 -11.68
N LEU D 189 13.28 19.82 -10.93
CA LEU D 189 11.85 19.58 -10.83
C LEU D 189 11.09 20.86 -11.15
N SER D 190 9.94 20.72 -11.82
CA SER D 190 9.12 21.87 -12.15
C SER D 190 7.71 21.73 -11.58
N SER D 191 7.09 22.86 -11.26
CA SER D 191 5.71 22.89 -10.79
C SER D 191 4.99 24.10 -11.37
N ARG D 192 3.68 24.00 -11.49
CA ARG D 192 2.88 25.11 -11.98
C ARG D 192 1.80 25.51 -10.97
N LEU D 193 1.54 26.80 -10.88
CA LEU D 193 0.43 27.31 -10.08
C LEU D 193 -0.36 28.30 -10.92
N ARG D 194 -1.60 27.95 -11.24
CA ARG D 194 -2.44 28.82 -12.06
C ARG D 194 -3.51 29.50 -11.21
N VAL D 195 -3.70 30.79 -11.44
CA VAL D 195 -4.72 31.55 -10.72
C VAL D 195 -5.43 32.50 -11.66
N SER D 196 -6.62 32.96 -11.28
CA SER D 196 -7.34 33.92 -12.08
C SER D 196 -6.50 35.19 -12.24
N ALA D 197 -6.34 35.64 -13.48
CA ALA D 197 -5.52 36.82 -13.77
C ALA D 197 -5.85 37.97 -12.82
N THR D 198 -7.12 38.05 -12.43
CA THR D 198 -7.55 39.04 -11.46
C THR D 198 -6.69 38.96 -10.21
N PHE D 199 -6.56 37.76 -9.68
CA PHE D 199 -5.84 37.51 -8.44
C PHE D 199 -4.37 37.92 -8.55
N TRP D 200 -3.72 37.53 -9.64
CA TRP D 200 -2.32 37.87 -9.84
C TRP D 200 -2.09 39.36 -9.93
N GLN D 201 -3.02 40.05 -10.57
CA GLN D 201 -2.88 41.49 -10.82
C GLN D 201 -3.05 42.32 -9.56
N ASN D 202 -3.26 41.65 -8.43
CA ASN D 202 -3.36 42.34 -7.16
C ASN D 202 -2.05 42.31 -6.36
N PRO D 203 -1.37 43.46 -6.29
CA PRO D 203 -0.06 43.58 -5.64
C PRO D 203 -0.10 43.23 -4.15
N ARG D 204 -1.29 43.06 -3.60
CA ARG D 204 -1.44 42.70 -2.20
C ARG D 204 -1.19 41.20 -2.01
N ASN D 205 -1.45 40.42 -3.06
CA ASN D 205 -1.24 38.98 -3.00
C ASN D 205 0.22 38.58 -3.14
N HIS D 206 0.64 37.61 -2.34
CA HIS D 206 2.03 37.16 -2.31
C HIS D 206 2.12 35.68 -2.68
N PHE D 207 3.06 35.36 -3.56
CA PHE D 207 3.22 33.98 -4.03
C PHE D 207 4.61 33.45 -3.73
N ARG D 208 4.69 32.26 -3.15
CA ARG D 208 5.97 31.67 -2.79
C ARG D 208 6.06 30.18 -3.13
N CYS D 209 7.13 29.80 -3.81
CA CYS D 209 7.40 28.38 -4.07
C CYS D 209 8.38 27.83 -3.05
N GLN D 210 7.97 26.77 -2.36
CA GLN D 210 8.76 26.25 -1.26
C GLN D 210 9.28 24.84 -1.55
N VAL D 211 10.59 24.67 -1.45
CA VAL D 211 11.19 23.36 -1.67
C VAL D 211 11.92 22.83 -0.44
N GLN D 212 11.33 21.82 0.20
CA GLN D 212 11.98 21.12 1.30
C GLN D 212 13.03 20.20 0.72
N PHE D 213 14.24 20.25 1.28
CA PHE D 213 15.33 19.41 0.80
C PHE D 213 15.96 18.64 1.93
N TYR D 214 16.19 17.34 1.71
CA TYR D 214 16.85 16.52 2.71
C TYR D 214 18.25 16.18 2.26
N GLY D 215 19.24 16.76 2.95
CA GLY D 215 20.63 16.49 2.67
C GLY D 215 21.35 15.94 3.90
N LEU D 216 22.53 16.47 4.18
CA LEU D 216 23.31 16.00 5.31
C LEU D 216 22.67 16.41 6.63
N SER D 217 22.88 15.59 7.65
CA SER D 217 22.40 15.87 9.00
C SER D 217 23.39 16.78 9.73
N GLU D 218 22.95 17.37 10.84
CA GLU D 218 23.80 18.28 11.61
C GLU D 218 25.11 17.62 12.00
N ASN D 219 25.03 16.53 12.75
CA ASN D 219 26.20 15.81 13.21
C ASN D 219 26.84 14.94 12.12
N ASP D 220 27.11 15.56 10.98
CA ASP D 220 27.76 14.87 9.87
C ASP D 220 29.04 15.59 9.46
N GLU D 221 30.04 14.82 9.04
CA GLU D 221 31.29 15.38 8.56
C GLU D 221 31.10 16.05 7.21
N TRP D 222 31.87 17.10 6.96
CA TRP D 222 31.90 17.76 5.67
C TRP D 222 33.22 18.49 5.50
N THR D 223 34.06 17.98 4.60
CA THR D 223 35.41 18.49 4.43
C THR D 223 35.62 19.05 3.03
N GLN D 224 34.84 20.06 2.67
CA GLN D 224 34.88 20.60 1.31
C GLN D 224 34.89 22.12 1.32
N ASP D 225 35.41 22.70 0.24
CA ASP D 225 35.34 24.14 0.04
C ASP D 225 34.00 24.50 -0.59
N ARG D 226 32.93 23.99 0.01
CA ARG D 226 31.57 24.30 -0.41
C ARG D 226 30.77 24.83 0.77
N ALA D 227 29.58 25.35 0.49
CA ALA D 227 28.61 25.59 1.53
C ALA D 227 27.95 24.25 1.86
N LYS D 228 28.19 23.76 3.07
CA LYS D 228 27.71 22.44 3.47
C LYS D 228 26.24 22.22 3.15
N PRO D 229 25.94 21.23 2.30
CA PRO D 229 24.59 20.93 1.81
C PRO D 229 23.76 20.17 2.84
N VAL D 230 23.13 20.90 3.75
CA VAL D 230 22.37 20.30 4.83
C VAL D 230 20.87 20.30 4.55
N THR D 231 20.14 19.42 5.24
CA THR D 231 18.68 19.43 5.19
C THR D 231 18.19 20.85 5.43
N GLN D 232 17.42 21.38 4.50
CA GLN D 232 17.04 22.78 4.55
C GLN D 232 15.82 23.07 3.68
N ILE D 233 15.33 24.31 3.74
CA ILE D 233 14.24 24.75 2.89
C ILE D 233 14.66 25.96 2.07
N VAL D 234 14.49 25.86 0.76
CA VAL D 234 14.86 26.95 -0.13
C VAL D 234 13.62 27.43 -0.87
N SER D 235 13.40 28.73 -0.89
CA SER D 235 12.19 29.30 -1.45
C SER D 235 12.47 30.45 -2.40
N ALA D 236 11.54 30.69 -3.32
CA ALA D 236 11.59 31.84 -4.20
C ALA D 236 10.18 32.45 -4.25
N GLU D 237 10.10 33.78 -4.22
CA GLU D 237 8.80 34.44 -4.11
C GLU D 237 8.48 35.34 -5.30
N ALA D 238 7.29 35.92 -5.26
CA ALA D 238 6.84 36.83 -6.31
C ALA D 238 5.58 37.57 -5.87
N TRP D 239 5.58 38.89 -6.02
CA TRP D 239 4.43 39.70 -5.70
C TRP D 239 3.55 39.93 -6.92
N GLY D 240 2.24 39.99 -6.72
CA GLY D 240 1.33 40.32 -7.80
C GLY D 240 1.66 41.70 -8.35
N ARG D 241 1.34 41.93 -9.61
CA ARG D 241 1.62 43.20 -10.25
C ARG D 241 0.53 43.57 -11.25
N ALA D 242 -0.01 44.77 -11.12
CA ALA D 242 -1.11 45.22 -11.96
C ALA D 242 -0.66 45.61 -13.37
N ASP D 243 0.30 46.52 -13.43
CA ASP D 243 0.78 47.05 -14.71
C ASP D 243 -0.31 47.86 -15.42
#